data_6A73
#
_entry.id   6A73
#
_cell.length_a   39.804
_cell.length_b   70.164
_cell.length_c   81.350
_cell.angle_alpha   107.03
_cell.angle_beta   103.94
_cell.angle_gamma   90.25
#
_symmetry.space_group_name_H-M   'P 1'
#
loop_
_entity.id
_entity.type
_entity.pdbx_description
1 polymer 'COP9 signalosome complex subunit 2,Endolysin'
2 non-polymer 'INOSITOL HEXAKISPHOSPHATE'
3 non-polymer 'SULFATE ION'
4 water water
#
_entity_poly.entity_id   1
_entity_poly.type   'polypeptide(L)'
_entity_poly.pdbx_seq_one_letter_code
;MNVDLENQYYNSKALKEDDPKAALSSFQKVLELEGEKGEWGFKALKQMIKINFKLTNFPEMMNRYKQLLTYIRSAVTRNY
SEKSINSILDYISTSKQMDLLQEFYETTLEALKDAKNDRLWFKTNTKLGKLYLERNIFEMLRIDEGLRLKIYKDTEGYYT
IGIGHLLTKSPSLNAAKSELDKAIGRNTNGVITKDEAEKLFNQDVDAAVRGILRNAKLKPVYDSLDAVRRAALINMVFQM
GETGVAGFTNSLRMLQQKRWDEAAVNLAKSRWYNQTPNRAKRVITTFRTGTWDAYKNLHHHHHH
;
_entity_poly.pdbx_strand_id   A,B
#
loop_
_chem_comp.id
_chem_comp.type
_chem_comp.name
_chem_comp.formula
IHP non-polymer 'INOSITOL HEXAKISPHOSPHATE' 'C6 H18 O24 P6'
SO4 non-polymer 'SULFATE ION' 'O4 S -2'
#
# COMPACT_ATOMS: atom_id res chain seq x y z
N GLU A 6 -1.04 22.61 48.25
CA GLU A 6 -1.42 23.77 47.45
C GLU A 6 -2.88 23.64 47.03
N ASN A 7 -3.57 24.78 46.88
CA ASN A 7 -5.02 24.72 46.80
C ASN A 7 -5.54 24.40 45.41
N GLN A 8 -4.71 24.53 44.35
CA GLN A 8 -5.11 24.07 42.99
C GLN A 8 -5.17 22.52 43.04
N TYR A 9 -4.07 21.93 43.52
CA TYR A 9 -4.02 20.55 43.99
C TYR A 9 -5.29 20.15 44.75
N TYR A 10 -5.58 20.90 45.83
CA TYR A 10 -6.69 20.56 46.72
C TYR A 10 -8.02 20.59 46.01
N ASN A 11 -8.27 21.66 45.25
CA ASN A 11 -9.51 21.78 44.52
C ASN A 11 -9.68 20.58 43.59
N SER A 12 -8.67 20.31 42.76
CA SER A 12 -8.74 19.18 41.85
C SER A 12 -9.08 17.88 42.59
N LYS A 13 -8.34 17.60 43.67
CA LYS A 13 -8.50 16.30 44.33
C LYS A 13 -9.86 16.19 45.03
N ALA A 14 -10.19 17.17 45.89
CA ALA A 14 -11.47 17.13 46.57
C ALA A 14 -12.65 17.19 45.60
N LEU A 15 -12.41 17.58 44.35
CA LEU A 15 -13.50 17.78 43.40
C LEU A 15 -14.13 16.47 42.96
N LYS A 16 -13.31 15.44 42.76
CA LYS A 16 -13.79 14.15 42.29
C LYS A 16 -14.88 13.60 43.21
N GLU A 17 -16.13 13.60 42.75
CA GLU A 17 -17.25 13.22 43.60
C GLU A 17 -18.38 12.68 42.72
N ASP A 18 -19.54 12.49 43.34
CA ASP A 18 -20.64 11.72 42.75
C ASP A 18 -21.86 12.56 42.43
N ASP A 19 -21.80 13.87 42.61
CA ASP A 19 -22.83 14.72 42.03
C ASP A 19 -22.19 15.35 40.79
N PRO A 20 -22.15 14.63 39.67
CA PRO A 20 -21.37 15.09 38.51
C PRO A 20 -21.56 16.56 38.14
N LYS A 21 -22.79 17.08 38.17
CA LYS A 21 -22.97 18.50 37.86
C LYS A 21 -22.23 19.37 38.87
N ALA A 22 -22.32 19.03 40.17
CA ALA A 22 -21.59 19.79 41.18
C ALA A 22 -20.09 19.58 41.03
N ALA A 23 -19.66 18.33 40.86
CA ALA A 23 -18.25 18.04 40.62
C ALA A 23 -17.74 18.81 39.41
N LEU A 24 -18.49 18.79 38.31
CA LEU A 24 -18.08 19.52 37.10
C LEU A 24 -17.99 21.02 37.37
N SER A 25 -18.97 21.58 38.07
CA SER A 25 -18.93 23.01 38.39
C SER A 25 -17.73 23.34 39.26
N SER A 26 -17.31 22.40 40.11
CA SER A 26 -16.14 22.65 40.91
C SER A 26 -14.87 22.55 40.07
N PHE A 27 -14.82 21.60 39.14
CA PHE A 27 -13.73 21.57 38.18
C PHE A 27 -13.62 22.90 37.43
N GLN A 28 -14.77 23.41 36.98
CA GLN A 28 -14.80 24.75 36.40
C GLN A 28 -14.18 25.73 37.39
N LYS A 29 -14.40 25.44 38.66
CA LYS A 29 -13.84 26.23 39.73
C LYS A 29 -12.35 26.13 39.67
N VAL A 30 -11.83 24.93 39.44
CA VAL A 30 -10.39 24.77 39.33
C VAL A 30 -9.76 25.50 38.16
N LEU A 31 -10.41 25.53 37.01
CA LEU A 31 -9.84 26.31 35.93
C LEU A 31 -9.96 27.77 36.32
N GLU A 32 -11.09 28.14 36.86
CA GLU A 32 -11.27 29.53 37.26
C GLU A 32 -10.33 29.94 38.40
N LEU A 33 -10.15 29.05 39.36
CA LEU A 33 -9.34 29.38 40.50
C LEU A 33 -7.93 29.75 40.22
N GLU A 34 -7.24 29.01 39.37
CA GLU A 34 -5.88 29.35 39.06
C GLU A 34 -5.67 29.12 37.55
N GLY A 35 -5.69 27.84 37.18
CA GLY A 35 -5.62 27.42 35.79
C GLY A 35 -4.43 27.42 34.87
N GLU A 36 -3.77 28.58 34.81
CA GLU A 36 -2.67 28.89 33.90
C GLU A 36 -1.53 27.92 34.03
N LYS A 37 -1.12 27.57 35.24
CA LYS A 37 -0.09 26.54 35.30
C LYS A 37 -0.90 25.31 34.80
N GLY A 38 -0.39 24.59 33.83
CA GLY A 38 -1.27 23.69 33.11
C GLY A 38 -1.60 22.39 33.79
N GLU A 39 -0.67 21.82 34.56
CA GLU A 39 -0.85 20.43 35.00
C GLU A 39 -2.21 20.23 35.67
N TRP A 40 -2.58 21.13 36.59
CA TRP A 40 -3.83 20.93 37.33
C TRP A 40 -5.04 21.30 36.48
N GLY A 41 -4.95 22.39 35.71
CA GLY A 41 -6.01 22.68 34.76
C GLY A 41 -6.14 21.60 33.70
N PHE A 42 -5.01 21.04 33.27
CA PHE A 42 -5.04 19.95 32.31
C PHE A 42 -5.78 18.75 32.88
N LYS A 43 -5.46 18.35 34.11
CA LYS A 43 -6.15 17.21 34.71
C LYS A 43 -7.63 17.51 34.91
N ALA A 44 -7.96 18.74 35.32
CA ALA A 44 -9.36 19.11 35.49
C ALA A 44 -10.12 18.99 34.17
N LEU A 45 -9.53 19.49 33.07
CA LEU A 45 -10.20 19.40 31.78
C LEU A 45 -10.35 17.95 31.33
N LYS A 46 -9.31 17.12 31.55
CA LYS A 46 -9.44 15.69 31.27
C LYS A 46 -10.63 15.11 32.02
N GLN A 47 -10.71 15.40 33.32
CA GLN A 47 -11.81 14.90 34.13
C GLN A 47 -13.15 15.35 33.56
N MET A 48 -13.26 16.63 33.19
CA MET A 48 -14.53 17.15 32.70
C MET A 48 -14.91 16.52 31.36
N ILE A 49 -13.92 16.27 30.51
CA ILE A 49 -14.17 15.61 29.25
C ILE A 49 -14.71 14.21 29.49
N LYS A 50 -14.09 13.48 30.43
CA LYS A 50 -14.57 12.14 30.76
C LYS A 50 -15.98 12.19 31.32
N ILE A 51 -16.26 13.19 32.15
CA ILE A 51 -17.55 13.26 32.83
C ILE A 51 -18.65 13.62 31.84
N ASN A 52 -18.34 14.49 30.87
CA ASN A 52 -19.33 14.81 29.84
C ASN A 52 -19.52 13.64 28.88
N PHE A 53 -18.45 12.91 28.56
CA PHE A 53 -18.60 11.70 27.74
C PHE A 53 -19.50 10.68 28.42
N LYS A 54 -19.39 10.55 29.75
CA LYS A 54 -20.30 9.65 30.46
C LYS A 54 -21.71 10.23 30.53
N LEU A 55 -21.84 11.55 30.61
CA LEU A 55 -23.14 12.20 30.70
C LEU A 55 -23.80 12.40 29.34
N THR A 56 -23.11 12.01 28.26
CA THR A 56 -23.63 12.04 26.89
C THR A 56 -23.91 13.46 26.41
N ASN A 57 -23.23 14.46 26.98
CA ASN A 57 -23.30 15.83 26.48
C ASN A 57 -22.00 16.10 25.73
N PHE A 58 -22.00 15.76 24.44
CA PHE A 58 -20.82 15.78 23.59
C PHE A 58 -20.43 17.19 23.15
N PRO A 59 -21.39 18.11 22.97
CA PRO A 59 -20.99 19.51 22.72
C PRO A 59 -20.06 20.06 23.79
N GLU A 60 -20.47 19.99 25.07
CA GLU A 60 -19.64 20.43 26.18
C GLU A 60 -18.31 19.69 26.21
N MET A 61 -18.36 18.37 26.00
CA MET A 61 -17.13 17.60 25.92
C MET A 61 -16.19 18.19 24.86
N MET A 62 -16.74 18.52 23.68
CA MET A 62 -15.92 19.09 22.62
C MET A 62 -15.33 20.44 23.02
N ASN A 63 -16.17 21.33 23.55
CA ASN A 63 -15.68 22.65 23.95
C ASN A 63 -14.54 22.53 24.97
N ARG A 64 -14.70 21.66 25.97
CA ARG A 64 -13.64 21.48 26.97
C ARG A 64 -12.44 20.75 26.40
N TYR A 65 -12.62 19.96 25.32
CA TYR A 65 -11.48 19.35 24.65
C TYR A 65 -10.66 20.40 23.92
N LYS A 66 -11.31 21.39 23.30
CA LYS A 66 -10.56 22.49 22.71
C LYS A 66 -9.69 23.19 23.75
N GLN A 67 -10.26 23.47 24.93
CA GLN A 67 -9.48 24.02 26.04
C GLN A 67 -8.24 23.21 26.32
N LEU A 68 -8.39 21.88 26.40
CA LEU A 68 -7.24 21.02 26.73
C LEU A 68 -6.14 21.16 25.70
N LEU A 69 -6.49 21.27 24.41
CA LEU A 69 -5.46 21.29 23.37
C LEU A 69 -4.53 22.49 23.54
N THR A 70 -5.07 23.66 23.90
CA THR A 70 -4.23 24.83 24.11
C THR A 70 -3.19 24.60 25.21
N TYR A 71 -3.46 23.68 26.13
CA TYR A 71 -2.49 23.37 27.18
C TYR A 71 -1.24 22.68 26.61
N ILE A 72 -1.39 21.87 25.55
CA ILE A 72 -0.26 21.05 25.14
C ILE A 72 0.82 21.86 24.43
N ARG A 73 0.51 23.02 23.86
CA ARG A 73 1.54 23.71 23.08
C ARG A 73 2.72 24.08 23.97
N SER A 74 2.45 24.55 25.18
CA SER A 74 3.52 24.89 26.12
C SER A 74 3.21 24.54 27.57
N ALA A 75 1.95 24.44 27.97
CA ALA A 75 1.62 24.31 29.39
C ALA A 75 1.96 22.92 29.95
N VAL A 76 1.92 21.88 29.12
CA VAL A 76 2.13 20.51 29.59
C VAL A 76 3.14 19.81 28.68
N THR A 77 3.88 18.86 29.26
CA THR A 77 4.86 18.11 28.49
C THR A 77 4.20 17.30 27.40
N ARG A 78 4.87 17.20 26.25
CA ARG A 78 4.28 16.53 25.10
C ARG A 78 3.99 15.07 25.41
N ASN A 79 4.90 14.39 26.11
CA ASN A 79 4.66 13.00 26.49
C ASN A 79 3.35 12.86 27.26
N TYR A 80 3.16 13.70 28.28
CA TYR A 80 1.98 13.61 29.13
C TYR A 80 0.71 13.95 28.36
N SER A 81 0.74 15.04 27.59
CA SER A 81 -0.44 15.44 26.82
C SER A 81 -0.84 14.36 25.83
N GLU A 82 0.14 13.81 25.11
CA GLU A 82 -0.17 12.76 24.15
C GLU A 82 -0.67 11.50 24.85
N LYS A 83 -0.17 11.22 26.06
CA LYS A 83 -0.75 10.14 26.85
C LYS A 83 -2.23 10.39 27.09
N SER A 84 -2.57 11.59 27.54
CA SER A 84 -3.97 11.91 27.85
C SER A 84 -4.86 11.82 26.62
N ILE A 85 -4.41 12.42 25.51
CA ILE A 85 -5.19 12.41 24.28
C ILE A 85 -5.33 10.99 23.74
N ASN A 86 -4.29 10.17 23.89
CA ASN A 86 -4.39 8.77 23.50
C ASN A 86 -5.45 8.04 24.32
N SER A 87 -5.48 8.29 25.64
CA SER A 87 -6.49 7.70 26.50
C SER A 87 -7.89 8.12 26.04
N ILE A 88 -8.07 9.41 25.78
CA ILE A 88 -9.36 9.90 25.30
C ILE A 88 -9.75 9.17 24.01
N LEU A 89 -8.81 9.07 23.07
CA LEU A 89 -9.07 8.33 21.84
C LEU A 89 -9.53 6.90 22.14
N ASP A 90 -8.80 6.22 23.04
CA ASP A 90 -9.06 4.80 23.23
C ASP A 90 -10.38 4.55 23.94
N TYR A 91 -10.83 5.47 24.80
CA TYR A 91 -12.13 5.26 25.45
C TYR A 91 -13.28 5.92 24.69
N ILE A 92 -13.01 6.54 23.55
CA ILE A 92 -14.06 6.98 22.63
C ILE A 92 -14.06 6.20 21.33
N SER A 93 -13.14 5.25 21.17
CA SER A 93 -13.12 4.39 19.99
C SER A 93 -14.29 3.41 20.00
N THR A 94 -14.94 3.23 21.15
CA THR A 94 -16.05 2.31 21.33
C THR A 94 -17.39 3.04 21.36
N SER A 95 -17.52 4.11 20.57
CA SER A 95 -18.70 4.95 20.57
C SER A 95 -19.39 4.85 19.22
N LYS A 96 -20.70 4.66 19.26
CA LYS A 96 -21.55 4.73 18.07
C LYS A 96 -21.70 6.16 17.56
N GLN A 97 -21.15 7.14 18.26
CA GLN A 97 -21.43 8.52 17.91
C GLN A 97 -20.51 8.92 16.76
N MET A 98 -21.02 8.81 15.52
CA MET A 98 -20.18 9.02 14.35
C MET A 98 -19.75 10.48 14.24
N ASP A 99 -20.68 11.42 14.37
CA ASP A 99 -20.32 12.82 14.18
C ASP A 99 -19.39 13.33 15.27
N LEU A 100 -19.62 12.89 16.51
CA LEU A 100 -18.69 13.25 17.58
C LEU A 100 -17.29 12.74 17.25
N LEU A 101 -17.18 11.47 16.89
CA LEU A 101 -15.87 10.92 16.53
C LEU A 101 -15.24 11.71 15.40
N GLN A 102 -16.04 12.11 14.41
CA GLN A 102 -15.49 12.82 13.27
C GLN A 102 -14.95 14.18 13.68
N GLU A 103 -15.75 14.96 14.41
CA GLU A 103 -15.30 16.27 14.87
C GLU A 103 -14.06 16.15 15.75
N PHE A 104 -14.08 15.22 16.71
CA PHE A 104 -12.93 14.99 17.57
C PHE A 104 -11.68 14.72 16.76
N TYR A 105 -11.78 13.80 15.79
CA TYR A 105 -10.64 13.46 14.96
C TYR A 105 -10.12 14.67 14.20
N GLU A 106 -11.02 15.43 13.58
CA GLU A 106 -10.58 16.58 12.80
C GLU A 106 -9.88 17.62 13.67
N THR A 107 -10.45 17.91 14.84
CA THR A 107 -9.81 18.86 15.73
C THR A 107 -8.44 18.36 16.16
N THR A 108 -8.34 17.08 16.53
CA THR A 108 -7.04 16.55 16.91
C THR A 108 -6.04 16.70 15.77
N LEU A 109 -6.45 16.38 14.55
CA LEU A 109 -5.55 16.49 13.39
C LEU A 109 -5.07 17.93 13.21
N GLU A 110 -6.01 18.88 13.25
CA GLU A 110 -5.61 20.27 13.11
C GLU A 110 -4.62 20.66 14.21
N ALA A 111 -4.90 20.24 15.46
CA ALA A 111 -4.09 20.68 16.58
C ALA A 111 -2.68 20.10 16.52
N LEU A 112 -2.53 18.86 16.05
CA LEU A 112 -1.23 18.22 16.08
C LEU A 112 -0.49 18.30 14.77
N LYS A 113 -1.03 19.04 13.78
CA LYS A 113 -0.44 19.07 12.44
C LYS A 113 1.08 19.28 12.48
N ASP A 114 1.51 20.35 13.14
CA ASP A 114 2.91 20.75 13.12
C ASP A 114 3.61 20.43 14.42
N ALA A 115 2.96 19.68 15.30
CA ALA A 115 3.55 19.31 16.58
C ALA A 115 4.82 18.51 16.34
N LYS A 116 5.95 19.05 16.80
CA LYS A 116 7.24 18.40 16.64
C LYS A 116 7.17 16.98 17.16
N ASN A 117 7.80 16.06 16.43
CA ASN A 117 7.97 14.68 16.90
C ASN A 117 6.66 14.07 17.39
N ASP A 118 5.53 14.50 16.83
CA ASP A 118 4.25 13.98 17.25
C ASP A 118 3.92 12.71 16.47
N ARG A 119 3.44 11.69 17.18
CA ARG A 119 3.04 10.43 16.57
C ARG A 119 1.54 10.20 16.57
N LEU A 120 0.77 11.00 17.30
CA LEU A 120 -0.67 10.78 17.42
C LEU A 120 -1.43 11.31 16.21
N TRP A 121 -0.89 12.31 15.51
CA TRP A 121 -1.56 12.80 14.32
C TRP A 121 -1.81 11.67 13.34
N PHE A 122 -0.84 10.78 13.17
CA PHE A 122 -0.97 9.71 12.18
C PHE A 122 -2.04 8.70 12.59
N LYS A 123 -2.07 8.34 13.88
CA LYS A 123 -3.08 7.42 14.37
C LYS A 123 -4.49 7.99 14.20
N THR A 124 -4.68 9.25 14.59
CA THR A 124 -6.00 9.85 14.42
C THR A 124 -6.36 10.00 12.94
N ASN A 125 -5.36 10.30 12.09
CA ASN A 125 -5.66 10.45 10.67
C ASN A 125 -6.07 9.13 10.06
N THR A 126 -5.38 8.05 10.41
CA THR A 126 -5.84 6.74 9.97
C THR A 126 -7.25 6.47 10.45
N LYS A 127 -7.55 6.79 11.72
CA LYS A 127 -8.88 6.51 12.24
C LYS A 127 -9.94 7.30 11.48
N LEU A 128 -9.65 8.56 11.14
CA LEU A 128 -10.61 9.34 10.39
C LEU A 128 -10.80 8.77 8.98
N GLY A 129 -9.71 8.35 8.34
CA GLY A 129 -9.84 7.70 7.05
C GLY A 129 -10.76 6.50 7.10
N LYS A 130 -10.58 5.66 8.12
CA LYS A 130 -11.44 4.50 8.26
C LYS A 130 -12.87 4.90 8.57
N LEU A 131 -13.07 6.00 9.30
CA LEU A 131 -14.42 6.47 9.59
C LEU A 131 -15.13 6.89 8.32
N TYR A 132 -14.46 7.68 7.49
CA TYR A 132 -15.00 8.03 6.18
C TYR A 132 -15.31 6.79 5.37
N LEU A 133 -14.42 5.79 5.41
CA LEU A 133 -14.66 4.56 4.67
C LEU A 133 -15.93 3.85 5.14
N GLU A 134 -16.09 3.74 6.46
CA GLU A 134 -17.32 3.17 7.02
C GLU A 134 -18.55 3.94 6.53
N ARG A 135 -18.49 5.27 6.58
CA ARG A 135 -19.63 6.06 6.11
C ARG A 135 -19.95 5.73 4.66
N ASN A 136 -18.93 5.64 3.81
CA ASN A 136 -19.18 5.36 2.39
C ASN A 136 -19.78 3.97 2.19
N ILE A 137 -19.24 2.96 2.88
CA ILE A 137 -19.77 1.62 2.69
C ILE A 137 -21.20 1.53 3.22
N PHE A 138 -21.48 2.20 4.34
CA PHE A 138 -22.83 2.23 4.88
C PHE A 138 -23.80 2.82 3.87
N GLU A 139 -23.43 3.94 3.26
CA GLU A 139 -24.30 4.56 2.25
C GLU A 139 -24.44 3.66 1.03
N MET A 140 -23.36 3.01 0.61
CA MET A 140 -23.44 2.11 -0.53
C MET A 140 -24.50 1.04 -0.29
N LEU A 141 -24.37 0.34 0.83
CA LEU A 141 -25.32 -0.74 1.10
C LEU A 141 -26.71 -0.20 1.39
N ARG A 142 -26.82 0.98 1.99
CA ARG A 142 -28.13 1.59 2.14
C ARG A 142 -28.81 1.72 0.79
N ILE A 143 -28.06 2.19 -0.21
CA ILE A 143 -28.63 2.39 -1.53
C ILE A 143 -28.98 1.05 -2.17
N ASP A 144 -28.17 0.01 -1.98
CA ASP A 144 -28.40 -1.25 -2.67
C ASP A 144 -29.36 -2.21 -1.94
N GLU A 145 -29.53 -2.08 -0.64
CA GLU A 145 -30.38 -2.96 0.14
C GLU A 145 -31.39 -2.23 1.01
N GLY A 146 -31.24 -0.94 1.23
CA GLY A 146 -32.24 -0.26 2.03
C GLY A 146 -31.89 -0.21 3.50
N LEU A 147 -32.35 0.84 4.14
CA LEU A 147 -32.18 1.06 5.58
C LEU A 147 -33.55 1.14 6.22
N ARG A 148 -33.73 0.43 7.31
CA ARG A 148 -35.01 0.44 8.01
C ARG A 148 -34.74 0.48 9.50
N LEU A 149 -35.32 1.49 10.15
CA LEU A 149 -35.08 1.77 11.55
C LEU A 149 -36.13 1.17 12.45
N LYS A 150 -37.10 0.45 11.90
CA LYS A 150 -38.05 -0.33 12.68
C LYS A 150 -37.91 -1.79 12.31
N ILE A 151 -38.22 -2.68 13.25
CA ILE A 151 -38.16 -4.09 12.97
C ILE A 151 -39.12 -4.44 11.85
N TYR A 152 -38.68 -5.29 10.93
CA TYR A 152 -39.53 -5.74 9.83
C TYR A 152 -39.19 -7.19 9.50
N LYS A 153 -40.00 -7.77 8.62
CA LYS A 153 -39.83 -9.16 8.21
C LYS A 153 -39.16 -9.22 6.84
N ASP A 154 -38.13 -10.06 6.72
CA ASP A 154 -37.48 -10.28 5.44
C ASP A 154 -38.29 -11.29 4.62
N THR A 155 -37.83 -11.57 3.40
CA THR A 155 -38.61 -12.42 2.49
C THR A 155 -38.86 -13.83 3.03
N GLU A 156 -38.20 -14.22 4.12
CA GLU A 156 -38.45 -15.49 4.80
C GLU A 156 -39.36 -15.36 6.00
N GLY A 157 -39.82 -14.14 6.31
CA GLY A 157 -40.60 -13.92 7.50
C GLY A 157 -39.80 -13.78 8.77
N TYR A 158 -38.51 -13.50 8.67
CA TYR A 158 -37.63 -13.43 9.83
C TYR A 158 -37.41 -11.99 10.27
N TYR A 159 -37.41 -11.78 11.59
CA TYR A 159 -37.33 -10.43 12.12
C TYR A 159 -35.95 -9.85 11.89
N THR A 160 -35.95 -8.63 11.34
CA THR A 160 -34.78 -7.97 10.78
C THR A 160 -34.88 -6.47 11.06
N ILE A 161 -33.75 -5.77 10.97
CA ILE A 161 -33.71 -4.33 11.19
C ILE A 161 -32.45 -3.76 10.56
N GLY A 162 -32.41 -2.44 10.40
CA GLY A 162 -31.21 -1.78 9.88
C GLY A 162 -31.06 -2.06 8.40
N ILE A 163 -29.85 -2.47 8.03
CA ILE A 163 -29.55 -2.90 6.66
C ILE A 163 -29.44 -4.41 6.71
N GLY A 164 -30.57 -5.09 6.54
CA GLY A 164 -30.58 -6.54 6.49
C GLY A 164 -29.97 -7.22 7.69
N HIS A 165 -30.06 -6.63 8.87
CA HIS A 165 -29.50 -7.27 10.05
C HIS A 165 -30.55 -8.19 10.65
N LEU A 166 -30.42 -9.47 10.35
CA LEU A 166 -31.36 -10.45 10.88
C LEU A 166 -31.28 -10.42 12.40
N LEU A 167 -32.45 -10.28 13.04
CA LEU A 167 -32.54 -10.29 14.49
C LEU A 167 -32.82 -11.69 15.01
N THR A 168 -33.79 -12.37 14.40
CA THR A 168 -34.07 -13.73 14.86
C THR A 168 -35.00 -14.43 13.89
N LYS A 169 -34.92 -15.76 13.88
CA LYS A 169 -35.84 -16.61 13.17
C LYS A 169 -37.03 -17.03 14.03
N SER A 170 -37.10 -16.57 15.28
CA SER A 170 -38.26 -16.89 16.10
C SER A 170 -39.48 -16.11 15.62
N PRO A 171 -40.68 -16.69 15.68
CA PRO A 171 -41.88 -15.92 15.34
C PRO A 171 -42.27 -14.92 16.41
N SER A 172 -41.63 -14.98 17.58
CA SER A 172 -41.95 -14.07 18.68
C SER A 172 -41.35 -12.70 18.40
N LEU A 173 -42.21 -11.68 18.25
CA LEU A 173 -41.71 -10.31 18.14
C LEU A 173 -40.93 -9.90 19.38
N ASN A 174 -41.32 -10.41 20.55
CA ASN A 174 -40.59 -10.08 21.76
C ASN A 174 -39.19 -10.65 21.75
N ALA A 175 -39.02 -11.84 21.17
CA ALA A 175 -37.67 -12.40 21.07
C ALA A 175 -36.78 -11.52 20.21
N ALA A 176 -37.34 -11.00 19.11
CA ALA A 176 -36.60 -10.07 18.27
C ALA A 176 -36.23 -8.81 19.04
N LYS A 177 -37.19 -8.24 19.77
CA LYS A 177 -36.92 -7.04 20.55
C LYS A 177 -35.86 -7.31 21.61
N SER A 178 -35.86 -8.50 22.19
CA SER A 178 -34.84 -8.83 23.19
C SER A 178 -33.46 -8.92 22.56
N GLU A 179 -33.35 -9.57 21.41
CA GLU A 179 -32.07 -9.60 20.72
C GLU A 179 -31.61 -8.19 20.35
N LEU A 180 -32.54 -7.35 19.88
CA LEU A 180 -32.20 -5.99 19.51
C LEU A 180 -31.71 -5.20 20.71
N ASP A 181 -32.46 -5.27 21.83
CA ASP A 181 -32.04 -4.60 23.05
C ASP A 181 -30.67 -5.09 23.51
N LYS A 182 -30.41 -6.39 23.38
CA LYS A 182 -29.11 -6.93 23.78
C LYS A 182 -28.00 -6.36 22.90
N ALA A 183 -28.27 -6.19 21.60
CA ALA A 183 -27.22 -5.76 20.69
C ALA A 183 -26.98 -4.26 20.72
N ILE A 184 -28.01 -3.47 21.05
CA ILE A 184 -27.91 -2.01 21.07
C ILE A 184 -27.61 -1.52 22.47
N GLY A 185 -28.09 -2.25 23.48
CA GLY A 185 -27.82 -1.88 24.86
C GLY A 185 -28.82 -0.96 25.51
N ARG A 186 -30.08 -0.98 25.09
CA ARG A 186 -31.09 -0.12 25.70
C ARG A 186 -32.47 -0.63 25.30
N ASN A 187 -33.49 -0.07 25.93
CA ASN A 187 -34.87 -0.44 25.60
C ASN A 187 -35.28 0.35 24.36
N THR A 188 -35.13 -0.26 23.19
CA THR A 188 -35.42 0.42 21.93
C THR A 188 -36.86 0.29 21.49
N ASN A 189 -37.63 -0.68 22.04
CA ASN A 189 -39.02 -0.91 21.65
C ASN A 189 -39.15 -1.12 20.14
N GLY A 190 -38.15 -1.72 19.51
CA GLY A 190 -38.19 -2.01 18.09
C GLY A 190 -37.77 -0.89 17.18
N VAL A 191 -37.29 0.24 17.73
CA VAL A 191 -36.89 1.39 16.94
C VAL A 191 -35.45 1.74 17.25
N ILE A 192 -34.68 2.12 16.22
CA ILE A 192 -33.29 2.45 16.39
C ILE A 192 -32.96 3.70 15.57
N THR A 193 -31.83 4.31 15.91
CA THR A 193 -31.35 5.47 15.18
C THR A 193 -30.53 5.02 13.97
N LYS A 194 -30.31 5.96 13.06
CA LYS A 194 -29.39 5.69 11.97
C LYS A 194 -28.04 5.26 12.51
N ASP A 195 -27.59 5.89 13.59
CA ASP A 195 -26.26 5.54 14.09
C ASP A 195 -26.24 4.12 14.64
N GLU A 196 -27.30 3.70 15.33
CA GLU A 196 -27.33 2.34 15.82
C GLU A 196 -27.37 1.34 14.66
N ALA A 197 -28.14 1.66 13.62
CA ALA A 197 -28.14 0.86 12.41
C ALA A 197 -26.73 0.73 11.83
N GLU A 198 -25.96 1.82 11.86
CA GLU A 198 -24.59 1.78 11.34
C GLU A 198 -23.67 0.96 12.23
N LYS A 199 -23.95 0.93 13.54
CA LYS A 199 -23.17 0.07 14.44
C LYS A 199 -23.38 -1.41 14.11
N LEU A 200 -24.64 -1.83 14.02
CA LEU A 200 -24.94 -3.19 13.59
C LEU A 200 -24.31 -3.48 12.23
N PHE A 201 -24.43 -2.53 11.29
CA PHE A 201 -23.89 -2.75 9.96
C PHE A 201 -22.38 -2.89 9.98
N ASN A 202 -21.69 -2.09 10.79
CA ASN A 202 -20.24 -2.21 10.90
C ASN A 202 -19.87 -3.57 11.46
N GLN A 203 -20.64 -4.06 12.43
CA GLN A 203 -20.41 -5.42 12.90
C GLN A 203 -20.56 -6.42 11.75
N ASP A 204 -21.64 -6.28 10.97
CA ASP A 204 -21.82 -7.19 9.84
C ASP A 204 -20.67 -7.07 8.83
N VAL A 205 -20.14 -5.86 8.65
CA VAL A 205 -19.01 -5.66 7.73
C VAL A 205 -17.79 -6.38 8.26
N ASP A 206 -17.47 -6.19 9.54
CA ASP A 206 -16.32 -6.87 10.11
C ASP A 206 -16.45 -8.38 9.95
N ALA A 207 -17.66 -8.90 10.18
CA ALA A 207 -17.89 -10.32 9.96
C ALA A 207 -17.57 -10.70 8.52
N ALA A 208 -18.16 -9.99 7.56
CA ALA A 208 -17.96 -10.34 6.15
C ALA A 208 -16.48 -10.27 5.79
N VAL A 209 -15.74 -9.33 6.38
CA VAL A 209 -14.32 -9.20 6.09
C VAL A 209 -13.57 -10.41 6.60
N ARG A 210 -13.84 -10.82 7.85
CA ARG A 210 -13.22 -12.04 8.34
C ARG A 210 -13.51 -13.21 7.41
N GLY A 211 -14.77 -13.34 7.00
CA GLY A 211 -15.13 -14.41 6.09
C GLY A 211 -14.33 -14.37 4.81
N ILE A 212 -14.25 -13.18 4.20
CA ILE A 212 -13.46 -13.02 2.98
C ILE A 212 -12.03 -13.51 3.22
N LEU A 213 -11.44 -13.14 4.37
CA LEU A 213 -10.07 -13.52 4.65
C LEU A 213 -9.92 -15.02 4.87
N ARG A 214 -10.96 -15.69 5.38
CA ARG A 214 -10.92 -17.14 5.52
C ARG A 214 -11.10 -17.84 4.18
N ASN A 215 -11.65 -17.17 3.17
CA ASN A 215 -11.84 -17.78 1.87
C ASN A 215 -10.54 -17.70 1.09
N ALA A 216 -10.00 -18.86 0.72
CA ALA A 216 -8.69 -18.90 0.08
C ALA A 216 -8.72 -18.28 -1.31
N LYS A 217 -9.88 -18.24 -1.97
CA LYS A 217 -9.93 -17.60 -3.28
C LYS A 217 -10.11 -16.09 -3.19
N LEU A 218 -10.79 -15.61 -2.14
CA LEU A 218 -11.06 -14.19 -2.04
C LEU A 218 -9.94 -13.42 -1.36
N LYS A 219 -9.18 -14.06 -0.47
CA LYS A 219 -8.14 -13.34 0.26
C LYS A 219 -7.16 -12.65 -0.67
N PRO A 220 -6.61 -13.31 -1.70
CA PRO A 220 -5.70 -12.63 -2.62
C PRO A 220 -6.29 -11.38 -3.24
N VAL A 221 -7.42 -11.51 -3.93
CA VAL A 221 -8.00 -10.35 -4.60
C VAL A 221 -8.30 -9.26 -3.59
N TYR A 222 -8.92 -9.62 -2.47
CA TYR A 222 -9.27 -8.62 -1.47
C TYR A 222 -8.02 -7.86 -1.00
N ASP A 223 -6.96 -8.57 -0.62
CA ASP A 223 -5.71 -7.91 -0.26
C ASP A 223 -5.24 -6.96 -1.35
N SER A 224 -5.29 -7.43 -2.60
CA SER A 224 -4.71 -6.66 -3.70
C SER A 224 -5.44 -5.35 -3.95
N LEU A 225 -6.68 -5.23 -3.49
CA LEU A 225 -7.53 -4.12 -3.89
C LEU A 225 -7.38 -2.92 -2.96
N ASP A 226 -7.78 -1.76 -3.47
CA ASP A 226 -7.91 -0.56 -2.67
C ASP A 226 -9.20 -0.60 -1.85
N ALA A 227 -9.34 0.37 -0.95
CA ALA A 227 -10.46 0.38 -0.01
C ALA A 227 -11.81 0.44 -0.72
N VAL A 228 -11.90 1.23 -1.78
CA VAL A 228 -13.17 1.38 -2.50
C VAL A 228 -13.55 0.08 -3.19
N ARG A 229 -12.62 -0.50 -3.95
CA ARG A 229 -12.92 -1.76 -4.60
C ARG A 229 -13.13 -2.85 -3.57
N ARG A 230 -12.42 -2.79 -2.44
CA ARG A 230 -12.75 -3.70 -1.36
C ARG A 230 -14.21 -3.58 -0.94
N ALA A 231 -14.74 -2.35 -0.89
CA ALA A 231 -16.16 -2.20 -0.56
C ALA A 231 -17.05 -2.84 -1.62
N ALA A 232 -16.71 -2.67 -2.90
CA ALA A 232 -17.49 -3.36 -3.94
C ALA A 232 -17.50 -4.88 -3.70
N LEU A 233 -16.33 -5.45 -3.38
CA LEU A 233 -16.26 -6.89 -3.12
C LEU A 233 -17.10 -7.26 -1.90
N ILE A 234 -17.06 -6.44 -0.84
CA ILE A 234 -17.89 -6.70 0.33
C ILE A 234 -19.35 -6.64 -0.04
N ASN A 235 -19.72 -5.71 -0.90
CA ASN A 235 -21.08 -5.59 -1.39
C ASN A 235 -21.53 -6.89 -2.04
N MET A 236 -20.73 -7.40 -2.97
CA MET A 236 -21.07 -8.67 -3.60
C MET A 236 -21.23 -9.78 -2.57
N VAL A 237 -20.34 -9.82 -1.57
CA VAL A 237 -20.43 -10.85 -0.54
C VAL A 237 -21.74 -10.74 0.22
N PHE A 238 -22.14 -9.51 0.56
CA PHE A 238 -23.43 -9.29 1.18
C PHE A 238 -24.56 -9.83 0.32
N GLN A 239 -24.47 -9.63 -1.00
CA GLN A 239 -25.57 -10.01 -1.86
C GLN A 239 -25.64 -11.52 -2.09
N MET A 240 -24.49 -12.19 -2.17
CA MET A 240 -24.43 -13.60 -2.58
C MET A 240 -23.70 -14.52 -1.61
N GLY A 241 -22.96 -13.99 -0.65
CA GLY A 241 -22.19 -14.85 0.23
C GLY A 241 -20.84 -15.22 -0.36
N GLU A 242 -19.94 -15.64 0.52
CA GLU A 242 -18.54 -15.82 0.17
C GLU A 242 -18.36 -16.76 -1.02
N THR A 243 -18.88 -17.99 -0.91
CA THR A 243 -18.65 -18.95 -1.97
C THR A 243 -19.34 -18.55 -3.26
N GLY A 244 -20.51 -17.91 -3.18
CA GLY A 244 -21.13 -17.37 -4.39
C GLY A 244 -20.21 -16.41 -5.12
N VAL A 245 -19.60 -15.48 -4.38
CA VAL A 245 -18.66 -14.55 -5.00
C VAL A 245 -17.46 -15.31 -5.54
N ALA A 246 -16.96 -16.30 -4.78
CA ALA A 246 -15.78 -17.06 -5.17
C ALA A 246 -15.96 -17.78 -6.49
N GLY A 247 -17.19 -17.84 -7.01
CA GLY A 247 -17.39 -18.43 -8.32
C GLY A 247 -16.96 -17.55 -9.48
N PHE A 248 -16.71 -16.27 -9.24
CA PHE A 248 -16.26 -15.35 -10.29
C PHE A 248 -14.75 -15.49 -10.51
N THR A 249 -14.35 -16.70 -10.92
CA THR A 249 -12.93 -17.04 -11.01
C THR A 249 -12.18 -16.10 -11.95
N ASN A 250 -12.63 -16.04 -13.21
CA ASN A 250 -11.97 -15.19 -14.21
C ASN A 250 -12.01 -13.72 -13.78
N SER A 251 -13.20 -13.23 -13.38
CA SER A 251 -13.32 -11.83 -12.99
C SER A 251 -12.47 -11.53 -11.77
N LEU A 252 -12.43 -12.46 -10.82
CA LEU A 252 -11.62 -12.25 -9.62
C LEU A 252 -10.15 -12.14 -9.99
N ARG A 253 -9.70 -12.98 -10.91
CA ARG A 253 -8.31 -12.92 -11.33
C ARG A 253 -8.00 -11.59 -12.03
N MET A 254 -8.85 -11.20 -13.00
CA MET A 254 -8.62 -9.92 -13.66
C MET A 254 -8.60 -8.77 -12.66
N LEU A 255 -9.49 -8.83 -11.67
CA LEU A 255 -9.48 -7.83 -10.61
C LEU A 255 -8.13 -7.81 -9.91
N GLN A 256 -7.68 -8.99 -9.46
CA GLN A 256 -6.39 -9.08 -8.78
C GLN A 256 -5.26 -8.53 -9.65
N GLN A 257 -5.44 -8.54 -10.96
CA GLN A 257 -4.48 -7.99 -11.91
C GLN A 257 -4.73 -6.52 -12.19
N LYS A 258 -5.77 -5.92 -11.62
CA LYS A 258 -6.09 -4.53 -11.87
C LYS A 258 -6.49 -4.29 -13.32
N ARG A 259 -6.94 -5.33 -14.03
CA ARG A 259 -7.51 -5.18 -15.37
C ARG A 259 -8.96 -4.74 -15.20
N TRP A 260 -9.11 -3.45 -14.88
CA TRP A 260 -10.41 -2.96 -14.44
C TRP A 260 -11.46 -3.11 -15.53
N ASP A 261 -11.15 -2.66 -16.75
CA ASP A 261 -12.15 -2.69 -17.81
C ASP A 261 -12.49 -4.11 -18.23
N GLU A 262 -11.48 -4.96 -18.39
CA GLU A 262 -11.75 -6.37 -18.70
C GLU A 262 -12.57 -7.03 -17.59
N ALA A 263 -12.22 -6.75 -16.33
CA ALA A 263 -12.98 -7.30 -15.21
C ALA A 263 -14.43 -6.86 -15.26
N ALA A 264 -14.67 -5.56 -15.52
CA ALA A 264 -16.03 -5.04 -15.60
C ALA A 264 -16.82 -5.71 -16.72
N VAL A 265 -16.21 -5.80 -17.90
CA VAL A 265 -16.89 -6.44 -19.02
C VAL A 265 -17.24 -7.88 -18.66
N ASN A 266 -16.30 -8.62 -18.07
CA ASN A 266 -16.56 -10.03 -17.77
C ASN A 266 -17.63 -10.17 -16.69
N LEU A 267 -17.65 -9.26 -15.72
CA LEU A 267 -18.67 -9.31 -14.67
C LEU A 267 -20.04 -8.98 -15.21
N ALA A 268 -20.12 -8.17 -16.26
CA ALA A 268 -21.41 -7.81 -16.81
C ALA A 268 -22.09 -8.97 -17.51
N LYS A 269 -21.35 -10.01 -17.92
CA LYS A 269 -21.94 -11.15 -18.60
C LYS A 269 -22.41 -12.24 -17.65
N SER A 270 -22.32 -12.02 -16.34
CA SER A 270 -22.69 -13.06 -15.40
C SER A 270 -24.21 -13.14 -15.26
N ARG A 271 -24.65 -14.15 -14.51
CA ARG A 271 -26.07 -14.26 -14.18
C ARG A 271 -26.44 -13.21 -13.15
N TRP A 272 -25.49 -12.86 -12.27
CA TRP A 272 -25.71 -11.83 -11.27
C TRP A 272 -26.14 -10.52 -11.93
N TYR A 273 -25.42 -10.09 -12.98
CA TYR A 273 -25.81 -8.87 -13.66
C TYR A 273 -27.21 -9.00 -14.25
N ASN A 274 -27.44 -10.09 -14.99
CA ASN A 274 -28.72 -10.28 -15.66
C ASN A 274 -29.88 -10.26 -14.66
N GLN A 275 -29.63 -10.66 -13.42
CA GLN A 275 -30.69 -10.80 -12.42
C GLN A 275 -30.95 -9.49 -11.66
N THR A 276 -29.89 -8.78 -11.28
CA THR A 276 -30.01 -7.49 -10.60
C THR A 276 -29.15 -6.48 -11.37
N PRO A 277 -29.68 -5.94 -12.47
CA PRO A 277 -28.82 -5.13 -13.35
C PRO A 277 -28.42 -3.81 -12.73
N ASN A 278 -29.29 -3.18 -11.96
CA ASN A 278 -28.99 -1.85 -11.45
C ASN A 278 -27.92 -1.91 -10.36
N ARG A 279 -28.10 -2.80 -9.39
CA ARG A 279 -27.09 -2.98 -8.37
C ARG A 279 -25.77 -3.44 -8.98
N ALA A 280 -25.82 -4.47 -9.84
CA ALA A 280 -24.61 -4.94 -10.49
C ALA A 280 -23.94 -3.82 -11.26
N LYS A 281 -24.73 -2.95 -11.87
CA LYS A 281 -24.17 -1.84 -12.61
C LYS A 281 -23.37 -0.92 -11.70
N ARG A 282 -23.97 -0.54 -10.58
CA ARG A 282 -23.27 0.33 -9.63
C ARG A 282 -21.99 -0.33 -9.12
N VAL A 283 -22.09 -1.59 -8.72
CA VAL A 283 -20.94 -2.32 -8.19
C VAL A 283 -19.81 -2.40 -9.22
N ILE A 284 -20.15 -2.75 -10.45
CA ILE A 284 -19.15 -2.85 -11.50
C ILE A 284 -18.50 -1.50 -11.78
N THR A 285 -19.29 -0.43 -11.73
CA THR A 285 -18.72 0.91 -11.85
C THR A 285 -17.70 1.16 -10.77
N THR A 286 -18.01 0.72 -9.54
CA THR A 286 -17.07 0.88 -8.45
C THR A 286 -15.80 0.07 -8.68
N PHE A 287 -15.95 -1.18 -9.15
CA PHE A 287 -14.79 -1.99 -9.49
C PHE A 287 -13.95 -1.35 -10.57
N ARG A 288 -14.61 -0.72 -11.55
CA ARG A 288 -13.88 -0.17 -12.68
C ARG A 288 -13.15 1.10 -12.30
N THR A 289 -13.87 2.09 -11.79
CA THR A 289 -13.29 3.40 -11.54
C THR A 289 -12.56 3.51 -10.21
N GLY A 290 -12.88 2.66 -9.25
CA GLY A 290 -12.34 2.85 -7.92
C GLY A 290 -12.89 4.06 -7.20
N THR A 291 -14.06 4.54 -7.59
CA THR A 291 -14.68 5.68 -6.96
C THR A 291 -16.07 5.31 -6.47
N TRP A 292 -16.65 6.21 -5.69
CA TRP A 292 -18.00 6.05 -5.21
C TRP A 292 -19.03 6.67 -6.14
N ASP A 293 -18.59 7.16 -7.31
CA ASP A 293 -19.45 7.98 -8.15
C ASP A 293 -20.81 7.32 -8.39
N ALA A 294 -20.84 5.99 -8.51
CA ALA A 294 -22.12 5.36 -8.76
C ALA A 294 -23.07 5.44 -7.59
N TYR A 295 -22.65 6.04 -6.48
CA TYR A 295 -23.47 6.09 -5.26
C TYR A 295 -23.59 7.49 -4.65
N GLU B 6 13.64 -45.09 -24.85
CA GLU B 6 12.90 -44.42 -25.92
C GLU B 6 13.78 -43.35 -26.57
N ASN B 7 13.56 -43.09 -27.86
CA ASN B 7 14.55 -42.35 -28.64
C ASN B 7 14.45 -40.84 -28.46
N GLN B 8 13.30 -40.31 -28.05
CA GLN B 8 13.23 -38.91 -27.67
C GLN B 8 14.01 -38.66 -26.37
N TYR B 9 13.73 -39.46 -25.34
CA TYR B 9 14.59 -39.62 -24.18
C TYR B 9 16.07 -39.60 -24.55
N TYR B 10 16.47 -40.55 -25.40
CA TYR B 10 17.88 -40.71 -25.75
C TYR B 10 18.44 -39.48 -26.45
N ASN B 11 17.68 -38.93 -27.41
CA ASN B 11 18.10 -37.72 -28.09
C ASN B 11 18.39 -36.61 -27.08
N SER B 12 17.42 -36.34 -26.19
CA SER B 12 17.63 -35.31 -25.16
C SER B 12 18.89 -35.59 -24.35
N LYS B 13 19.03 -36.82 -23.84
CA LYS B 13 20.13 -37.11 -22.92
C LYS B 13 21.49 -37.04 -23.63
N ALA B 14 21.64 -37.74 -24.75
CA ALA B 14 22.87 -37.66 -25.52
C ALA B 14 23.13 -36.25 -26.02
N LEU B 15 22.11 -35.38 -25.97
CA LEU B 15 22.24 -34.05 -26.54
C LEU B 15 23.16 -33.16 -25.71
N LYS B 16 23.10 -33.26 -24.39
CA LYS B 16 23.97 -32.43 -23.55
C LYS B 16 25.43 -32.68 -23.89
N GLU B 17 26.12 -31.64 -24.36
CA GLU B 17 27.51 -31.75 -24.78
C GLU B 17 28.27 -30.48 -24.42
N ASP B 18 29.57 -30.50 -24.68
CA ASP B 18 30.46 -29.38 -24.37
C ASP B 18 30.86 -28.61 -25.62
N ASP B 19 30.26 -28.92 -26.76
CA ASP B 19 30.31 -28.08 -27.94
C ASP B 19 28.97 -27.35 -28.02
N PRO B 20 28.82 -26.24 -27.29
CA PRO B 20 27.50 -25.60 -27.19
C PRO B 20 26.81 -25.48 -28.54
N LYS B 21 27.56 -25.14 -29.59
CA LYS B 21 26.96 -25.10 -30.92
C LYS B 21 26.44 -26.48 -31.34
N ALA B 22 27.23 -27.53 -31.09
CA ALA B 22 26.80 -28.87 -31.46
C ALA B 22 25.61 -29.32 -30.62
N ALA B 23 25.68 -29.10 -29.30
CA ALA B 23 24.54 -29.44 -28.45
C ALA B 23 23.27 -28.73 -28.90
N LEU B 24 23.35 -27.43 -29.15
CA LEU B 24 22.18 -26.69 -29.62
C LEU B 24 21.68 -27.21 -30.96
N SER B 25 22.61 -27.46 -31.90
CA SER B 25 22.19 -27.93 -33.21
C SER B 25 21.52 -29.29 -33.13
N SER B 26 21.98 -30.15 -32.21
CA SER B 26 21.30 -31.44 -32.12
C SER B 26 19.96 -31.30 -31.42
N PHE B 27 19.90 -30.54 -30.33
CA PHE B 27 18.60 -30.29 -29.69
C PHE B 27 17.60 -29.79 -30.72
N GLN B 28 17.94 -28.73 -31.44
CA GLN B 28 17.09 -28.18 -32.48
C GLN B 28 16.75 -29.16 -33.60
N LYS B 29 17.76 -29.48 -34.41
CA LYS B 29 17.50 -30.26 -35.62
C LYS B 29 16.84 -31.59 -35.30
N VAL B 30 17.33 -32.31 -34.29
CA VAL B 30 16.73 -33.60 -34.00
C VAL B 30 15.40 -33.44 -33.25
N LEU B 31 15.44 -32.84 -32.05
CA LEU B 31 14.25 -32.84 -31.19
C LEU B 31 13.06 -32.14 -31.81
N GLU B 32 13.24 -30.99 -32.47
CA GLU B 32 12.09 -30.41 -33.13
C GLU B 32 11.53 -31.37 -34.17
N LEU B 33 12.41 -31.88 -35.02
CA LEU B 33 11.97 -32.90 -35.97
C LEU B 33 11.36 -34.08 -35.22
N GLU B 34 12.10 -34.65 -34.30
CA GLU B 34 11.59 -35.82 -33.66
C GLU B 34 10.30 -35.68 -32.87
N GLY B 35 10.15 -34.62 -32.09
CA GLY B 35 8.96 -34.53 -31.26
C GLY B 35 8.11 -33.30 -31.43
N GLU B 36 8.20 -32.44 -30.40
CA GLU B 36 7.60 -31.11 -30.21
C GLU B 36 6.18 -31.00 -29.69
N LYS B 37 5.61 -32.11 -29.27
CA LYS B 37 4.26 -31.95 -28.73
C LYS B 37 4.19 -32.20 -27.22
N GLY B 38 5.33 -32.37 -26.55
CA GLY B 38 5.29 -32.82 -25.18
C GLY B 38 6.50 -32.57 -24.28
N GLU B 39 6.66 -33.42 -23.27
CA GLU B 39 7.64 -33.19 -22.21
C GLU B 39 9.05 -32.99 -22.73
N TRP B 40 9.48 -33.84 -23.67
CA TRP B 40 10.88 -33.83 -24.07
C TRP B 40 11.21 -32.60 -24.90
N GLY B 41 10.29 -32.15 -25.75
CA GLY B 41 10.49 -30.87 -26.40
C GLY B 41 10.58 -29.73 -25.41
N PHE B 42 9.79 -29.80 -24.33
CA PHE B 42 9.84 -28.79 -23.28
C PHE B 42 11.23 -28.73 -22.65
N LYS B 43 11.77 -29.89 -22.27
CA LYS B 43 13.10 -29.91 -21.68
C LYS B 43 14.15 -29.45 -22.67
N ALA B 44 14.00 -29.82 -23.95
CA ALA B 44 14.92 -29.35 -24.97
C ALA B 44 14.92 -27.83 -25.05
N LEU B 45 13.73 -27.22 -25.04
CA LEU B 45 13.66 -25.75 -25.09
C LEU B 45 14.26 -25.13 -23.84
N LYS B 46 13.99 -25.69 -22.66
CA LYS B 46 14.64 -25.21 -21.45
C LYS B 46 16.16 -25.21 -21.61
N GLN B 47 16.70 -26.35 -22.06
CA GLN B 47 18.14 -26.46 -22.27
C GLN B 47 18.64 -25.40 -23.25
N MET B 48 17.91 -25.20 -24.35
CA MET B 48 18.35 -24.25 -25.36
C MET B 48 18.32 -22.82 -24.85
N ILE B 49 17.30 -22.49 -24.05
CA ILE B 49 17.22 -21.16 -23.44
C ILE B 49 18.39 -20.95 -22.51
N LYS B 50 18.71 -21.96 -21.69
CA LYS B 50 19.86 -21.84 -20.79
C LYS B 50 21.16 -21.67 -21.58
N ILE B 51 21.28 -22.41 -22.68
CA ILE B 51 22.53 -22.40 -23.43
C ILE B 51 22.70 -21.08 -24.17
N ASN B 52 21.60 -20.52 -24.68
CA ASN B 52 21.71 -19.20 -25.31
C ASN B 52 21.94 -18.11 -24.28
N PHE B 53 21.37 -18.24 -23.08
CA PHE B 53 21.66 -17.29 -22.01
C PHE B 53 23.14 -17.30 -21.67
N LYS B 54 23.76 -18.48 -21.66
CA LYS B 54 25.20 -18.53 -21.45
C LYS B 54 25.99 -18.04 -22.67
N LEU B 55 25.45 -18.25 -23.86
CA LEU B 55 26.11 -17.87 -25.11
C LEU B 55 25.90 -16.41 -25.48
N THR B 56 25.09 -15.68 -24.70
CA THR B 56 24.83 -14.25 -24.86
C THR B 56 24.11 -13.91 -26.16
N ASN B 57 23.39 -14.86 -26.75
CA ASN B 57 22.54 -14.59 -27.91
C ASN B 57 21.08 -14.60 -27.42
N PHE B 58 20.62 -13.43 -26.98
CA PHE B 58 19.33 -13.26 -26.32
C PHE B 58 18.15 -13.25 -27.29
N PRO B 59 18.32 -12.80 -28.53
CA PRO B 59 17.23 -12.96 -29.50
C PRO B 59 16.78 -14.41 -29.66
N GLU B 60 17.72 -15.31 -29.95
CA GLU B 60 17.41 -16.74 -30.05
C GLU B 60 16.80 -17.26 -28.76
N MET B 61 17.36 -16.85 -27.62
CA MET B 61 16.79 -17.22 -26.34
C MET B 61 15.32 -16.84 -26.26
N MET B 62 14.98 -15.62 -26.69
CA MET B 62 13.59 -15.17 -26.68
C MET B 62 12.72 -16.02 -27.59
N ASN B 63 13.19 -16.26 -28.82
CA ASN B 63 12.41 -17.07 -29.77
C ASN B 63 12.11 -18.46 -29.19
N ARG B 64 13.13 -19.11 -28.62
CA ARG B 64 12.91 -20.42 -28.03
C ARG B 64 12.11 -20.35 -26.74
N TYR B 65 12.11 -19.21 -26.06
CA TYR B 65 11.25 -19.06 -24.89
C TYR B 65 9.79 -18.97 -25.31
N LYS B 66 9.51 -18.26 -26.42
CA LYS B 66 8.15 -18.30 -26.98
C LYS B 66 7.77 -19.71 -27.37
N GLN B 67 8.69 -20.42 -28.03
CA GLN B 67 8.49 -21.83 -28.33
C GLN B 67 8.09 -22.61 -27.09
N LEU B 68 8.84 -22.43 -25.99
CA LEU B 68 8.53 -23.13 -24.76
C LEU B 68 7.15 -22.75 -24.24
N LEU B 69 6.81 -21.46 -24.35
CA LEU B 69 5.53 -20.98 -23.84
C LEU B 69 4.36 -21.63 -24.55
N THR B 70 4.47 -21.86 -25.86
CA THR B 70 3.38 -22.53 -26.58
C THR B 70 3.11 -23.92 -26.02
N TYR B 71 4.11 -24.55 -25.41
CA TYR B 71 3.94 -25.86 -24.78
C TYR B 71 3.08 -25.77 -23.53
N ILE B 72 3.06 -24.61 -22.87
CA ILE B 72 2.50 -24.49 -21.53
C ILE B 72 0.99 -24.65 -21.49
N ARG B 73 0.30 -24.40 -22.61
CA ARG B 73 -1.16 -24.41 -22.57
C ARG B 73 -1.70 -25.79 -22.23
N SER B 74 -1.15 -26.85 -22.83
CA SER B 74 -1.61 -28.20 -22.51
C SER B 74 -0.51 -29.26 -22.48
N ALA B 75 0.64 -29.04 -23.12
CA ALA B 75 1.61 -30.12 -23.31
C ALA B 75 2.27 -30.56 -22.00
N VAL B 76 2.38 -29.67 -21.02
CA VAL B 76 3.06 -29.97 -19.76
C VAL B 76 2.15 -29.58 -18.61
N THR B 77 2.30 -30.30 -17.49
CA THR B 77 1.50 -29.99 -16.31
C THR B 77 1.85 -28.60 -15.79
N ARG B 78 0.83 -27.89 -15.29
CA ARG B 78 1.05 -26.50 -14.89
C ARG B 78 2.09 -26.39 -13.78
N ASN B 79 2.09 -27.34 -12.84
CA ASN B 79 3.14 -27.35 -11.81
C ASN B 79 4.52 -27.36 -12.45
N TYR B 80 4.74 -28.27 -13.39
CA TYR B 80 6.05 -28.43 -14.01
C TYR B 80 6.43 -27.19 -14.82
N SER B 81 5.51 -26.69 -15.65
CA SER B 81 5.80 -25.52 -16.47
C SER B 81 6.14 -24.31 -15.59
N GLU B 82 5.35 -24.09 -14.55
CA GLU B 82 5.63 -22.96 -13.66
C GLU B 82 6.94 -23.15 -12.91
N LYS B 83 7.28 -24.40 -12.57
CA LYS B 83 8.59 -24.66 -12.00
C LYS B 83 9.70 -24.20 -12.94
N SER B 84 9.61 -24.60 -14.21
CA SER B 84 10.65 -24.26 -15.18
C SER B 84 10.75 -22.75 -15.38
N ILE B 85 9.60 -22.10 -15.55
CA ILE B 85 9.63 -20.65 -15.77
C ILE B 85 10.16 -19.93 -14.54
N ASN B 86 9.83 -20.41 -13.34
CA ASN B 86 10.36 -19.83 -12.12
C ASN B 86 11.88 -19.94 -12.08
N SER B 87 12.42 -21.11 -12.45
CA SER B 87 13.87 -21.27 -12.52
C SER B 87 14.49 -20.28 -13.50
N ILE B 88 13.91 -20.17 -14.70
CA ILE B 88 14.42 -19.24 -15.69
C ILE B 88 14.44 -17.82 -15.11
N LEU B 89 13.34 -17.41 -14.48
CA LEU B 89 13.29 -16.12 -13.80
C LEU B 89 14.42 -15.98 -12.79
N ASP B 90 14.62 -17.01 -11.96
CA ASP B 90 15.53 -16.86 -10.84
C ASP B 90 16.99 -16.80 -11.28
N TYR B 91 17.35 -17.45 -12.40
CA TYR B 91 18.73 -17.39 -12.86
C TYR B 91 18.97 -16.26 -13.86
N ILE B 92 17.96 -15.49 -14.22
CA ILE B 92 18.18 -14.31 -15.03
C ILE B 92 18.06 -13.07 -14.15
N SER B 93 17.66 -13.31 -12.93
CA SER B 93 17.77 -12.26 -11.96
C SER B 93 19.31 -12.13 -11.81
N THR B 94 19.78 -10.94 -11.43
CA THR B 94 21.22 -10.58 -11.29
C THR B 94 21.90 -10.27 -12.63
N SER B 95 21.14 -10.24 -13.71
CA SER B 95 21.65 -9.98 -15.03
C SER B 95 21.75 -8.54 -15.45
N LYS B 96 22.88 -8.23 -16.05
CA LYS B 96 23.13 -6.91 -16.59
C LYS B 96 22.14 -6.46 -17.67
N GLN B 97 21.51 -7.38 -18.37
CA GLN B 97 20.71 -6.99 -19.48
C GLN B 97 19.28 -6.52 -19.25
N MET B 98 19.09 -5.21 -19.25
CA MET B 98 17.79 -4.63 -19.02
C MET B 98 16.71 -4.89 -20.05
N ASP B 99 16.99 -4.72 -21.33
CA ASP B 99 15.98 -4.97 -22.34
C ASP B 99 15.58 -6.42 -22.41
N LEU B 100 16.52 -7.28 -22.24
CA LEU B 100 16.17 -8.69 -22.22
C LEU B 100 15.18 -8.96 -21.10
N LEU B 101 15.50 -8.50 -19.89
CA LEU B 101 14.59 -8.70 -18.77
C LEU B 101 13.24 -8.10 -19.07
N GLN B 102 13.21 -6.95 -19.73
CA GLN B 102 11.94 -6.28 -20.00
C GLN B 102 11.08 -7.11 -20.95
N GLU B 103 11.67 -7.51 -22.09
CA GLU B 103 10.92 -8.31 -23.05
C GLU B 103 10.48 -9.64 -22.44
N PHE B 104 11.38 -10.31 -21.73
CA PHE B 104 11.06 -11.56 -21.04
C PHE B 104 9.85 -11.39 -20.13
N TYR B 105 9.90 -10.36 -19.27
CA TYR B 105 8.79 -10.11 -18.34
C TYR B 105 7.49 -9.88 -19.09
N GLU B 106 7.53 -9.02 -20.12
CA GLU B 106 6.29 -8.72 -20.84
C GLU B 106 5.72 -9.95 -21.51
N THR B 107 6.59 -10.76 -22.13
CA THR B 107 6.14 -11.99 -22.78
C THR B 107 5.51 -12.93 -21.77
N THR B 108 6.19 -13.14 -20.63
CA THR B 108 5.62 -14.01 -19.60
C THR B 108 4.26 -13.49 -19.14
N LEU B 109 4.15 -12.17 -18.92
CA LEU B 109 2.90 -11.59 -18.48
C LEU B 109 1.78 -11.88 -19.47
N GLU B 110 2.03 -11.59 -20.75
CA GLU B 110 1.00 -11.87 -21.75
C GLU B 110 0.61 -13.35 -21.73
N ALA B 111 1.60 -14.25 -21.63
CA ALA B 111 1.31 -15.67 -21.76
C ALA B 111 0.48 -16.20 -20.58
N LEU B 112 0.71 -15.70 -19.37
CA LEU B 112 0.04 -16.20 -18.18
C LEU B 112 -1.18 -15.37 -17.80
N LYS B 113 -1.54 -14.40 -18.65
CA LYS B 113 -2.68 -13.52 -18.41
C LYS B 113 -3.88 -14.25 -17.81
N ASP B 114 -4.30 -15.33 -18.48
CA ASP B 114 -5.53 -16.03 -18.13
C ASP B 114 -5.26 -17.41 -17.51
N ALA B 115 -4.03 -17.71 -17.13
CA ALA B 115 -3.74 -19.01 -16.53
C ALA B 115 -4.60 -19.23 -15.30
N LYS B 116 -5.43 -20.28 -15.34
CA LYS B 116 -6.45 -20.53 -14.33
C LYS B 116 -5.92 -20.49 -12.91
N ASN B 117 -5.02 -21.40 -12.54
CA ASN B 117 -4.37 -21.36 -11.23
C ASN B 117 -2.91 -21.03 -11.46
N ASP B 118 -2.59 -19.73 -11.38
CA ASP B 118 -1.23 -19.25 -11.61
C ASP B 118 -0.90 -18.13 -10.64
N ARG B 119 0.28 -18.22 -10.06
CA ARG B 119 0.85 -17.19 -9.20
C ARG B 119 2.05 -16.50 -9.83
N LEU B 120 2.55 -17.00 -10.97
CA LEU B 120 3.74 -16.41 -11.54
C LEU B 120 3.45 -15.11 -12.27
N TRP B 121 2.22 -14.91 -12.76
CA TRP B 121 1.91 -13.62 -13.36
C TRP B 121 2.16 -12.50 -12.35
N PHE B 122 1.77 -12.71 -11.09
CA PHE B 122 1.91 -11.66 -10.10
C PHE B 122 3.37 -11.38 -9.76
N LYS B 123 4.17 -12.45 -9.63
CA LYS B 123 5.59 -12.28 -9.36
C LYS B 123 6.26 -11.53 -10.50
N THR B 124 5.99 -11.97 -11.74
CA THR B 124 6.57 -11.32 -12.91
C THR B 124 6.11 -9.88 -13.05
N ASN B 125 4.85 -9.61 -12.70
CA ASN B 125 4.35 -8.25 -12.80
C ASN B 125 5.01 -7.34 -11.78
N THR B 126 5.15 -7.80 -10.55
CA THR B 126 5.92 -7.02 -9.58
C THR B 126 7.33 -6.76 -10.10
N LYS B 127 7.96 -7.79 -10.67
CA LYS B 127 9.33 -7.60 -11.17
C LYS B 127 9.38 -6.57 -12.28
N LEU B 128 8.41 -6.59 -13.19
CA LEU B 128 8.40 -5.60 -14.26
C LEU B 128 8.16 -4.20 -13.71
N GLY B 129 7.26 -4.06 -12.74
CA GLY B 129 7.05 -2.77 -12.11
C GLY B 129 8.32 -2.22 -11.50
N LYS B 130 9.05 -3.06 -10.77
CA LYS B 130 10.30 -2.62 -10.18
C LYS B 130 11.35 -2.31 -11.24
N LEU B 131 11.32 -3.03 -12.35
CA LEU B 131 12.25 -2.77 -13.44
C LEU B 131 12.01 -1.38 -14.04
N TYR B 132 10.74 -1.08 -14.35
CA TYR B 132 10.36 0.26 -14.78
C TYR B 132 10.77 1.31 -13.76
N LEU B 133 10.57 1.03 -12.48
CA LEU B 133 10.93 1.98 -11.44
C LEU B 133 12.44 2.25 -11.45
N GLU B 134 13.26 1.20 -11.54
CA GLU B 134 14.70 1.36 -11.67
C GLU B 134 15.06 2.22 -12.86
N ARG B 135 14.44 1.94 -14.02
CA ARG B 135 14.70 2.77 -15.19
C ARG B 135 14.39 4.24 -14.90
N ASN B 136 13.25 4.51 -14.27
CA ASN B 136 12.88 5.91 -14.01
C ASN B 136 13.88 6.58 -13.07
N ILE B 137 14.28 5.91 -11.99
CA ILE B 137 15.23 6.53 -11.06
C ILE B 137 16.57 6.77 -11.76
N PHE B 138 17.01 5.82 -12.61
CA PHE B 138 18.27 6.00 -13.32
C PHE B 138 18.21 7.23 -14.21
N GLU B 139 17.11 7.41 -14.94
CA GLU B 139 16.99 8.58 -15.79
C GLU B 139 16.94 9.86 -14.96
N MET B 140 16.24 9.83 -13.84
CA MET B 140 16.16 11.01 -12.98
C MET B 140 17.55 11.44 -12.54
N LEU B 141 18.33 10.51 -12.00
CA LEU B 141 19.65 10.87 -11.52
C LEU B 141 20.60 11.19 -12.66
N ARG B 142 20.42 10.57 -13.83
CA ARG B 142 21.20 10.96 -15.00
C ARG B 142 20.97 12.42 -15.33
N ILE B 143 19.72 12.85 -15.27
CA ILE B 143 19.39 14.24 -15.57
C ILE B 143 19.98 15.17 -14.51
N ASP B 144 19.97 14.76 -13.24
CA ASP B 144 20.40 15.66 -12.18
C ASP B 144 21.90 15.63 -11.89
N GLU B 145 22.59 14.55 -12.22
CA GLU B 145 24.02 14.41 -11.96
C GLU B 145 24.83 14.02 -13.20
N GLY B 146 24.19 13.56 -14.25
CA GLY B 146 25.02 13.21 -15.39
C GLY B 146 25.42 11.75 -15.37
N LEU B 147 25.60 11.22 -16.57
CA LEU B 147 26.04 9.86 -16.79
C LEU B 147 27.34 9.94 -17.58
N ARG B 148 28.34 9.19 -17.15
CA ARG B 148 29.61 9.20 -17.85
C ARG B 148 30.13 7.77 -17.93
N LEU B 149 30.40 7.33 -19.14
CA LEU B 149 30.78 5.97 -19.44
C LEU B 149 32.30 5.77 -19.50
N LYS B 150 33.07 6.83 -19.30
CA LYS B 150 34.53 6.73 -19.17
C LYS B 150 34.96 7.23 -17.80
N ILE B 151 36.05 6.67 -17.29
CA ILE B 151 36.54 7.10 -15.99
C ILE B 151 36.87 8.58 -16.04
N TYR B 152 36.48 9.30 -14.99
CA TYR B 152 36.77 10.73 -14.89
C TYR B 152 37.02 11.08 -13.44
N LYS B 153 37.48 12.30 -13.22
CA LYS B 153 37.80 12.78 -11.88
C LYS B 153 36.67 13.67 -11.38
N ASP B 154 36.23 13.42 -10.14
CA ASP B 154 35.23 14.26 -9.51
C ASP B 154 35.88 15.52 -8.94
N THR B 155 35.06 16.42 -8.40
CA THR B 155 35.56 17.72 -7.97
C THR B 155 36.65 17.63 -6.90
N GLU B 156 36.88 16.44 -6.32
CA GLU B 156 37.97 16.19 -5.40
C GLU B 156 39.16 15.52 -6.07
N GLY B 157 39.07 15.26 -7.37
CA GLY B 157 40.14 14.58 -8.09
C GLY B 157 40.15 13.07 -7.96
N TYR B 158 39.05 12.46 -7.54
CA TYR B 158 38.97 11.03 -7.30
C TYR B 158 38.37 10.32 -8.50
N TYR B 159 38.92 9.15 -8.82
CA TYR B 159 38.47 8.45 -10.01
C TYR B 159 37.06 7.90 -9.82
N THR B 160 36.22 8.20 -10.81
CA THR B 160 34.78 8.02 -10.76
C THR B 160 34.28 7.57 -12.12
N ILE B 161 33.05 7.04 -12.17
CA ILE B 161 32.45 6.58 -13.42
C ILE B 161 30.95 6.46 -13.23
N GLY B 162 30.21 6.40 -14.33
CA GLY B 162 28.77 6.19 -14.27
C GLY B 162 28.06 7.44 -13.80
N ILE B 163 27.19 7.25 -12.81
CA ILE B 163 26.50 8.36 -12.15
C ILE B 163 27.14 8.52 -10.77
N GLY B 164 28.19 9.33 -10.69
CA GLY B 164 28.84 9.61 -9.42
C GLY B 164 29.29 8.38 -8.67
N HIS B 165 29.67 7.31 -9.38
CA HIS B 165 30.12 6.10 -8.72
C HIS B 165 31.62 6.21 -8.50
N LEU B 166 31.99 6.50 -7.26
CA LEU B 166 33.39 6.60 -6.91
C LEU B 166 34.07 5.25 -7.13
N LEU B 167 35.18 5.26 -7.86
CA LEU B 167 35.96 4.04 -8.04
C LEU B 167 37.08 3.96 -7.02
N THR B 168 37.83 5.05 -6.84
CA THR B 168 38.89 5.00 -5.85
C THR B 168 39.44 6.38 -5.60
N LYS B 169 40.00 6.54 -4.40
CA LYS B 169 40.74 7.73 -4.02
C LYS B 169 42.23 7.60 -4.32
N SER B 170 42.67 6.48 -4.90
CA SER B 170 44.08 6.38 -5.27
C SER B 170 44.38 7.25 -6.47
N PRO B 171 45.58 7.85 -6.53
CA PRO B 171 45.97 8.59 -7.73
C PRO B 171 46.33 7.67 -8.89
N SER B 172 46.41 6.36 -8.66
CA SER B 172 46.74 5.40 -9.71
C SER B 172 45.51 5.16 -10.59
N LEU B 173 45.61 5.53 -11.87
CA LEU B 173 44.55 5.19 -12.80
C LEU B 173 44.37 3.69 -12.91
N ASN B 174 45.45 2.92 -12.76
CA ASN B 174 45.34 1.48 -12.80
C ASN B 174 44.54 0.93 -11.64
N ALA B 175 44.65 1.54 -10.46
CA ALA B 175 43.84 1.10 -9.34
C ALA B 175 42.35 1.31 -9.63
N ALA B 176 42.01 2.44 -10.25
CA ALA B 176 40.63 2.69 -10.65
C ALA B 176 40.15 1.64 -11.65
N LYS B 177 40.98 1.36 -12.67
CA LYS B 177 40.62 0.34 -13.65
C LYS B 177 40.46 -1.02 -12.98
N SER B 178 41.29 -1.31 -11.98
CA SER B 178 41.19 -2.59 -11.30
C SER B 178 39.88 -2.69 -10.53
N GLU B 179 39.50 -1.64 -9.81
CA GLU B 179 38.22 -1.63 -9.13
C GLU B 179 37.07 -1.77 -10.12
N LEU B 180 37.15 -1.05 -11.25
CA LEU B 180 36.09 -1.11 -12.24
C LEU B 180 35.96 -2.51 -12.81
N ASP B 181 37.09 -3.10 -13.24
CA ASP B 181 37.08 -4.47 -13.74
C ASP B 181 36.53 -5.43 -12.70
N LYS B 182 36.90 -5.23 -11.44
CA LYS B 182 36.40 -6.10 -10.38
C LYS B 182 34.89 -5.99 -10.23
N ALA B 183 34.35 -4.77 -10.35
CA ALA B 183 32.94 -4.53 -10.12
C ALA B 183 32.07 -4.90 -11.31
N ILE B 184 32.62 -4.83 -12.52
CA ILE B 184 31.85 -5.11 -13.74
C ILE B 184 32.04 -6.56 -14.16
N GLY B 185 33.20 -7.14 -13.84
CA GLY B 185 33.45 -8.52 -14.17
C GLY B 185 34.07 -8.76 -15.53
N ARG B 186 34.82 -7.80 -16.07
CA ARG B 186 35.47 -7.97 -17.35
C ARG B 186 36.51 -6.86 -17.48
N ASN B 187 37.37 -7.00 -18.48
CA ASN B 187 38.41 -6.00 -18.72
C ASN B 187 37.79 -4.88 -19.55
N THR B 188 37.37 -3.80 -18.87
CA THR B 188 36.66 -2.70 -19.49
C THR B 188 37.57 -1.62 -20.06
N ASN B 189 38.83 -1.57 -19.64
CA ASN B 189 39.76 -0.54 -20.11
C ASN B 189 39.22 0.87 -19.85
N GLY B 190 38.50 1.05 -18.73
CA GLY B 190 37.99 2.33 -18.31
C GLY B 190 36.69 2.78 -18.93
N VAL B 191 36.08 1.96 -19.78
CA VAL B 191 34.83 2.33 -20.43
C VAL B 191 33.78 1.27 -20.17
N ILE B 192 32.54 1.71 -19.98
CA ILE B 192 31.42 0.84 -19.67
C ILE B 192 30.23 1.24 -20.53
N THR B 193 29.27 0.34 -20.59
CA THR B 193 28.01 0.55 -21.31
C THR B 193 27.03 1.29 -20.42
N LYS B 194 25.97 1.79 -21.06
CA LYS B 194 24.87 2.36 -20.29
C LYS B 194 24.36 1.35 -19.27
N ASP B 195 24.27 0.07 -19.67
CA ASP B 195 23.70 -0.91 -18.76
C ASP B 195 24.62 -1.18 -17.57
N GLU B 196 25.93 -1.23 -17.80
CA GLU B 196 26.84 -1.43 -16.68
C GLU B 196 26.78 -0.25 -15.72
N ALA B 197 26.69 0.98 -16.26
CA ALA B 197 26.48 2.15 -15.42
C ALA B 197 25.20 2.01 -14.59
N GLU B 198 24.15 1.47 -15.19
CA GLU B 198 22.90 1.28 -14.45
C GLU B 198 23.02 0.19 -13.39
N LYS B 199 23.87 -0.82 -13.63
CA LYS B 199 24.11 -1.84 -12.61
C LYS B 199 24.78 -1.22 -11.38
N LEU B 200 25.89 -0.50 -11.61
CA LEU B 200 26.51 0.24 -10.52
C LEU B 200 25.52 1.15 -9.82
N PHE B 201 24.71 1.86 -10.60
CA PHE B 201 23.77 2.80 -10.02
C PHE B 201 22.74 2.10 -9.15
N ASN B 202 22.26 0.94 -9.60
CA ASN B 202 21.31 0.18 -8.80
C ASN B 202 21.96 -0.26 -7.50
N GLN B 203 23.24 -0.64 -7.54
CA GLN B 203 23.92 -0.95 -6.30
C GLN B 203 23.93 0.26 -5.39
N ASP B 204 24.28 1.42 -5.92
CA ASP B 204 24.29 2.63 -5.12
C ASP B 204 22.90 2.96 -4.57
N VAL B 205 21.86 2.71 -5.36
CA VAL B 205 20.50 2.95 -4.89
C VAL B 205 20.17 2.03 -3.73
N ASP B 206 20.44 0.73 -3.90
CA ASP B 206 20.16 -0.19 -2.80
C ASP B 206 20.90 0.24 -1.55
N ALA B 207 22.16 0.67 -1.71
CA ALA B 207 22.91 1.18 -0.57
C ALA B 207 22.18 2.33 0.10
N ALA B 208 21.78 3.33 -0.68
CA ALA B 208 21.12 4.51 -0.12
C ALA B 208 19.81 4.13 0.55
N VAL B 209 19.10 3.15 0.01
CA VAL B 209 17.82 2.73 0.59
C VAL B 209 18.04 2.09 1.95
N ARG B 210 19.02 1.18 2.04
CA ARG B 210 19.42 0.64 3.33
C ARG B 210 19.78 1.76 4.31
N GLY B 211 20.54 2.74 3.83
CA GLY B 211 20.88 3.87 4.70
C GLY B 211 19.66 4.59 5.21
N ILE B 212 18.73 4.92 4.31
CA ILE B 212 17.50 5.59 4.71
C ILE B 212 16.79 4.78 5.78
N LEU B 213 16.68 3.47 5.57
CA LEU B 213 15.95 2.62 6.52
C LEU B 213 16.66 2.56 7.87
N ARG B 214 17.99 2.68 7.89
CA ARG B 214 18.70 2.75 9.16
C ARG B 214 18.54 4.10 9.84
N ASN B 215 18.20 5.14 9.09
CA ASN B 215 18.02 6.46 9.68
C ASN B 215 16.64 6.54 10.32
N ALA B 216 16.61 6.82 11.62
CA ALA B 216 15.34 6.79 12.35
C ALA B 216 14.40 7.90 11.92
N LYS B 217 14.92 9.02 11.41
CA LYS B 217 14.03 10.08 10.95
C LYS B 217 13.50 9.83 9.54
N LEU B 218 14.27 9.15 8.70
CA LEU B 218 13.86 8.97 7.32
C LEU B 218 12.98 7.75 7.13
N LYS B 219 13.13 6.72 7.96
CA LYS B 219 12.33 5.51 7.77
C LYS B 219 10.84 5.77 7.79
N PRO B 220 10.28 6.54 8.73
CA PRO B 220 8.84 6.81 8.70
C PRO B 220 8.36 7.44 7.40
N VAL B 221 8.95 8.57 7.01
CA VAL B 221 8.52 9.25 5.78
C VAL B 221 8.69 8.33 4.59
N TYR B 222 9.85 7.68 4.48
CA TYR B 222 10.11 6.81 3.35
C TYR B 222 9.06 5.70 3.24
N ASP B 223 8.80 4.99 4.35
CA ASP B 223 7.75 3.99 4.37
C ASP B 223 6.43 4.58 3.89
N SER B 224 6.09 5.78 4.37
CA SER B 224 4.79 6.35 4.07
C SER B 224 4.62 6.71 2.60
N LEU B 225 5.72 6.84 1.85
CA LEU B 225 5.66 7.42 0.52
C LEU B 225 5.41 6.38 -0.56
N ASP B 226 4.90 6.86 -1.70
CA ASP B 226 4.79 6.05 -2.90
C ASP B 226 6.16 5.92 -3.57
N ALA B 227 6.23 5.06 -4.58
CA ALA B 227 7.52 4.74 -5.21
C ALA B 227 8.16 5.98 -5.83
N VAL B 228 7.36 6.82 -6.49
CA VAL B 228 7.90 8.01 -7.16
C VAL B 228 8.46 9.00 -6.14
N ARG B 229 7.66 9.32 -5.13
CA ARG B 229 8.13 10.24 -4.10
C ARG B 229 9.29 9.63 -3.34
N ARG B 230 9.29 8.31 -3.17
CA ARG B 230 10.49 7.67 -2.65
C ARG B 230 11.71 7.98 -3.51
N ALA B 231 11.56 7.96 -4.84
CA ALA B 231 12.72 8.30 -5.67
C ALA B 231 13.16 9.74 -5.44
N ALA B 232 12.21 10.66 -5.29
CA ALA B 232 12.59 12.03 -4.96
C ALA B 232 13.43 12.08 -3.68
N LEU B 233 12.99 11.35 -2.65
CA LEU B 233 13.75 11.33 -1.40
C LEU B 233 15.13 10.72 -1.60
N ILE B 234 15.21 9.65 -2.40
CA ILE B 234 16.51 9.02 -2.69
C ILE B 234 17.41 10.01 -3.40
N ASN B 235 16.83 10.81 -4.30
CA ASN B 235 17.58 11.83 -5.01
C ASN B 235 18.21 12.82 -4.02
N MET B 236 17.40 13.35 -3.11
CA MET B 236 17.97 14.26 -2.10
C MET B 236 19.08 13.59 -1.32
N VAL B 237 18.90 12.32 -0.97
CA VAL B 237 19.93 11.61 -0.22
C VAL B 237 21.22 11.50 -1.03
N PHE B 238 21.10 11.22 -2.33
CA PHE B 238 22.26 11.22 -3.21
C PHE B 238 22.95 12.57 -3.19
N GLN B 239 22.18 13.65 -3.17
CA GLN B 239 22.78 14.97 -3.27
C GLN B 239 23.41 15.43 -1.96
N MET B 240 22.84 15.05 -0.81
CA MET B 240 23.26 15.60 0.48
C MET B 240 23.59 14.55 1.52
N GLY B 241 23.25 13.28 1.32
CA GLY B 241 23.47 12.28 2.33
C GLY B 241 22.34 12.23 3.36
N GLU B 242 22.30 11.10 4.08
CA GLU B 242 21.17 10.81 4.95
C GLU B 242 20.92 11.92 5.97
N THR B 243 21.95 12.25 6.78
CA THR B 243 21.74 13.21 7.84
C THR B 243 21.43 14.60 7.29
N GLY B 244 22.00 14.96 6.15
CA GLY B 244 21.64 16.22 5.52
C GLY B 244 20.15 16.30 5.23
N VAL B 245 19.60 15.25 4.62
CA VAL B 245 18.15 15.22 4.36
C VAL B 245 17.38 15.23 5.67
N ALA B 246 17.86 14.50 6.68
CA ALA B 246 17.15 14.41 7.95
C ALA B 246 17.01 15.78 8.63
N GLY B 247 17.72 16.80 8.17
CA GLY B 247 17.55 18.13 8.70
C GLY B 247 16.28 18.84 8.26
N PHE B 248 15.59 18.28 7.26
CA PHE B 248 14.31 18.82 6.79
C PHE B 248 13.16 18.31 7.65
N THR B 249 13.20 18.67 8.94
CA THR B 249 12.24 18.14 9.90
C THR B 249 10.80 18.46 9.51
N ASN B 250 10.50 19.76 9.36
CA ASN B 250 9.14 20.17 8.99
C ASN B 250 8.71 19.57 7.66
N SER B 251 9.55 19.67 6.63
CA SER B 251 9.19 19.14 5.33
C SER B 251 9.00 17.64 5.37
N LEU B 252 9.85 16.93 6.13
CA LEU B 252 9.70 15.48 6.21
C LEU B 252 8.37 15.12 6.85
N ARG B 253 8.01 15.83 7.92
CA ARG B 253 6.72 15.54 8.56
C ARG B 253 5.57 15.82 7.60
N MET B 254 5.58 17.00 6.96
CA MET B 254 4.51 17.34 6.02
C MET B 254 4.41 16.31 4.91
N LEU B 255 5.55 15.83 4.41
CA LEU B 255 5.55 14.77 3.41
C LEU B 255 4.87 13.52 3.97
N GLN B 256 5.33 13.07 5.14
CA GLN B 256 4.73 11.89 5.75
C GLN B 256 3.23 12.06 5.95
N GLN B 257 2.77 13.30 6.04
CA GLN B 257 1.35 13.60 6.15
C GLN B 257 0.66 13.74 4.81
N LYS B 258 1.40 13.62 3.72
CA LYS B 258 0.84 13.79 2.37
C LYS B 258 0.32 15.20 2.13
N ARG B 259 0.84 16.18 2.87
CA ARG B 259 0.58 17.59 2.59
C ARG B 259 1.54 18.02 1.48
N TRP B 260 1.23 17.59 0.25
CA TRP B 260 2.19 17.72 -0.85
C TRP B 260 2.49 19.19 -1.13
N ASP B 261 1.45 20.02 -1.27
CA ASP B 261 1.68 21.41 -1.65
C ASP B 261 2.40 22.17 -0.54
N GLU B 262 1.95 22.00 0.71
CA GLU B 262 2.64 22.61 1.83
C GLU B 262 4.09 22.15 1.92
N ALA B 263 4.34 20.85 1.72
CA ALA B 263 5.71 20.33 1.75
C ALA B 263 6.56 20.98 0.66
N ALA B 264 6.01 21.12 -0.56
CA ALA B 264 6.76 21.75 -1.63
C ALA B 264 7.09 23.20 -1.28
N VAL B 265 6.11 23.95 -0.80
CA VAL B 265 6.36 25.34 -0.42
C VAL B 265 7.46 25.40 0.62
N ASN B 266 7.39 24.55 1.65
CA ASN B 266 8.39 24.61 2.70
C ASN B 266 9.76 24.20 2.19
N LEU B 267 9.83 23.25 1.26
CA LEU B 267 11.12 22.86 0.72
C LEU B 267 11.72 23.95 -0.15
N ALA B 268 10.86 24.76 -0.79
CA ALA B 268 11.36 25.82 -1.64
C ALA B 268 12.11 26.90 -0.88
N LYS B 269 11.88 27.02 0.43
CA LYS B 269 12.52 28.04 1.24
C LYS B 269 13.85 27.59 1.82
N SER B 270 14.33 26.40 1.48
CA SER B 270 15.55 25.88 2.07
C SER B 270 16.79 26.50 1.43
N ARG B 271 17.94 26.21 2.03
CA ARG B 271 19.20 26.59 1.40
C ARG B 271 19.48 25.70 0.21
N TRP B 272 19.04 24.44 0.27
CA TRP B 272 19.19 23.52 -0.84
C TRP B 272 18.60 24.09 -2.11
N TYR B 273 17.35 24.60 -2.04
CA TYR B 273 16.75 25.20 -3.21
C TYR B 273 17.55 26.40 -3.69
N ASN B 274 17.83 27.32 -2.78
CA ASN B 274 18.54 28.54 -3.14
C ASN B 274 19.87 28.24 -3.81
N GLN B 275 20.50 27.12 -3.44
CA GLN B 275 21.83 26.80 -3.93
C GLN B 275 21.78 26.02 -5.24
N THR B 276 20.86 25.07 -5.38
CA THR B 276 20.67 24.32 -6.62
C THR B 276 19.22 24.43 -7.02
N PRO B 277 18.82 25.54 -7.62
CA PRO B 277 17.39 25.79 -7.85
C PRO B 277 16.77 24.87 -8.87
N ASN B 278 17.49 24.50 -9.93
CA ASN B 278 16.85 23.70 -10.98
C ASN B 278 16.62 22.26 -10.51
N ARG B 279 17.64 21.64 -9.91
CA ARG B 279 17.45 20.30 -9.38
C ARG B 279 16.40 20.30 -8.28
N ALA B 280 16.51 21.25 -7.34
CA ALA B 280 15.52 21.33 -6.26
C ALA B 280 14.12 21.52 -6.84
N LYS B 281 14.00 22.26 -7.93
CA LYS B 281 12.71 22.46 -8.57
C LYS B 281 12.15 21.15 -9.08
N ARG B 282 12.96 20.39 -9.81
CA ARG B 282 12.49 19.10 -10.32
C ARG B 282 12.10 18.17 -9.17
N VAL B 283 12.96 18.07 -8.17
CA VAL B 283 12.70 17.19 -7.02
C VAL B 283 11.41 17.59 -6.32
N ILE B 284 11.21 18.89 -6.09
CA ILE B 284 10.00 19.36 -5.41
C ILE B 284 8.78 19.06 -6.25
N THR B 285 8.89 19.22 -7.58
CA THR B 285 7.78 18.84 -8.45
C THR B 285 7.43 17.37 -8.29
N THR B 286 8.44 16.51 -8.19
CA THR B 286 8.17 15.09 -8.01
C THR B 286 7.51 14.83 -6.65
N PHE B 287 8.02 15.48 -5.60
CA PHE B 287 7.40 15.35 -4.29
C PHE B 287 5.94 15.79 -4.33
N ARG B 288 5.66 16.86 -5.07
CA ARG B 288 4.31 17.41 -5.06
C ARG B 288 3.35 16.55 -5.87
N THR B 289 3.68 16.29 -7.13
CA THR B 289 2.74 15.62 -8.02
C THR B 289 2.76 14.10 -7.88
N GLY B 290 3.84 13.53 -7.38
CA GLY B 290 3.97 12.08 -7.42
C GLY B 290 4.16 11.53 -8.81
N THR B 291 4.63 12.34 -9.75
CA THR B 291 4.87 11.93 -11.13
C THR B 291 6.30 12.23 -11.52
N TRP B 292 6.68 11.73 -12.68
CA TRP B 292 8.00 11.98 -13.26
C TRP B 292 8.02 13.17 -14.20
N ASP B 293 6.90 13.92 -14.30
CA ASP B 293 6.77 14.93 -15.34
C ASP B 293 7.99 15.86 -15.41
N ALA B 294 8.59 16.16 -14.26
CA ALA B 294 9.73 17.08 -14.28
C ALA B 294 10.94 16.49 -14.97
N TYR B 295 10.85 15.24 -15.44
CA TYR B 295 12.00 14.56 -16.02
C TYR B 295 11.71 13.91 -17.37
C1 IHP C . -5.70 9.28 35.84
C2 IHP C . -6.79 8.88 34.82
C3 IHP C . -7.76 7.84 35.39
C4 IHP C . -8.46 8.33 36.66
C5 IHP C . -7.36 8.45 37.72
C6 IHP C . -6.22 9.41 37.29
O11 IHP C . -5.18 10.51 35.40
P1 IHP C . -3.57 10.90 35.38
O21 IHP C . -2.81 9.97 34.46
O31 IHP C . -3.01 10.79 36.78
O41 IHP C . -3.37 12.32 34.90
O12 IHP C . -6.17 8.39 33.66
P2 IHP C . -6.44 9.11 32.19
O22 IHP C . -7.40 10.26 32.35
O32 IHP C . -5.13 9.63 31.63
O42 IHP C . -7.01 8.09 31.25
O13 IHP C . -8.70 7.46 34.43
P3 IHP C . -8.68 5.84 34.14
O23 IHP C . -9.99 5.40 33.54
O33 IHP C . -8.46 5.12 35.45
O43 IHP C . -7.53 5.54 33.21
O14 IHP C . -9.39 7.39 37.11
P4 IHP C . -10.82 8.06 37.55
O24 IHP C . -11.91 7.04 37.44
O34 IHP C . -11.13 9.23 36.64
O44 IHP C . -10.70 8.56 38.97
O15 IHP C . -7.73 8.84 39.02
P5 IHP C . -6.81 8.24 40.27
O25 IHP C . -7.46 7.00 40.82
O35 IHP C . -5.42 7.89 39.79
O45 IHP C . -6.67 9.27 41.38
O16 IHP C . -6.63 10.77 37.43
P6 IHP C . -6.07 11.82 38.59
O26 IHP C . -4.58 11.68 38.79
O36 IHP C . -6.78 11.55 39.89
O46 IHP C . -6.38 13.26 38.19
H1 IHP C . -5.02 8.60 35.87
H2 IHP C . -7.30 9.67 34.58
H3 IHP C . -7.24 7.04 35.60
H4 IHP C . -8.95 9.15 36.51
H5 IHP C . -7.08 7.51 37.80
H6 IHP C . -5.49 9.19 37.90
S SO4 D . -32.00 -4.40 -9.57
O1 SO4 D . -30.60 -4.22 -9.21
O2 SO4 D . -32.83 -3.38 -8.93
O3 SO4 D . -32.13 -4.29 -11.01
O4 SO4 D . -32.46 -5.71 -9.11
C1 IHP E . 16.99 -30.10 -14.61
C2 IHP E . 17.63 -28.70 -14.75
C3 IHP E . 19.12 -28.74 -14.34
C4 IHP E . 20.03 -29.68 -15.16
C5 IHP E . 19.55 -31.02 -14.62
C6 IHP E . 18.01 -31.23 -14.86
O11 IHP E . 15.87 -30.26 -15.46
P1 IHP E . 14.30 -30.22 -14.88
O21 IHP E . 13.30 -30.57 -15.97
O31 IHP E . 13.97 -28.85 -14.36
O41 IHP E . 14.10 -31.22 -13.77
O12 IHP E . 16.89 -27.83 -13.93
P2 IHP E . 16.33 -26.38 -14.51
O22 IHP E . 14.82 -26.33 -14.53
O32 IHP E . 16.85 -26.17 -15.91
O42 IHP E . 16.85 -25.26 -13.63
O13 IHP E . 19.54 -27.40 -14.25
P3 IHP E . 19.61 -26.78 -12.72
O23 IHP E . 19.43 -25.28 -12.73
O33 IHP E . 20.97 -27.12 -12.17
O43 IHP E . 18.54 -27.42 -11.86
O14 IHP E . 21.34 -29.29 -14.92
P4 IHP E . 21.76 -28.27 -16.14
O24 IHP E . 20.61 -27.33 -16.46
O34 IHP E . 22.00 -29.13 -17.36
O44 IHP E . 22.99 -27.48 -15.78
O15 IHP E . 20.26 -32.09 -15.17
P5 IHP E . 20.98 -33.16 -14.13
O25 IHP E . 22.39 -33.42 -14.60
O35 IHP E . 21.02 -32.59 -12.74
O45 IHP E . 20.22 -34.47 -14.10
O16 IHP E . 17.94 -31.59 -16.24
P6 IHP E . 17.00 -32.76 -16.95
O26 IHP E . 15.60 -32.75 -16.40
O36 IHP E . 17.64 -34.12 -16.72
O46 IHP E . 16.94 -32.52 -18.44
H1 IHP E . 16.65 -30.16 -13.71
H2 IHP E . 17.59 -28.38 -15.67
H3 IHP E . 19.22 -29.13 -13.46
H4 IHP E . 20.03 -29.66 -16.13
H5 IHP E . 19.74 -31.03 -13.67
H6 IHP E . 17.75 -31.90 -14.21
S SO4 F . 21.22 23.88 -10.48
O1 SO4 F . 20.23 22.91 -9.99
O2 SO4 F . 20.63 25.22 -10.45
O3 SO4 F . 22.41 23.85 -9.63
O4 SO4 F . 21.62 23.55 -11.85
#